data_2AA2
#
_entry.id   2AA2
#
_cell.length_a   92.617
_cell.length_b   173.139
_cell.length_c   42.166
_cell.angle_alpha   90.00
_cell.angle_beta   90.00
_cell.angle_gamma   90.00
#
_symmetry.space_group_name_H-M   'C 2 2 21'
#
loop_
_entity.id
_entity.type
_entity.pdbx_description
1 polymer 'Mineralocorticoid receptor'
2 non-polymer 'octyl beta-D-glucopyranoside'
3 non-polymer 'SULFATE ION'
4 non-polymer ALDOSTERONE
5 non-polymer GLYCEROL
6 water water
#
_entity_poly.entity_id   1
_entity_poly.type   'polypeptide(L)'
_entity_poly.pdbx_seq_one_letter_code
;GSAPAKEPSVNTALVPQLSTISRALTPSPVMVLENIEPEIVYAGYDSSKPDTAENLLSTLNRLAGKQMIQVVKWAKVLPG
FKNLPLEDQITLIQYSWMSLSSFALSWRSYKHTNSQFLYFAPDLVFNEEKMHQSAMYELCQGMHQISLQFVRLQLTFEEY
TIMKVLLLLSTIPKDGLKSQAAFEEMRTNYIKELRKMVTKCPNNSGQSWQRFYQLTKLLDSMHDLVSDLLEFCFYTFRES
HALKVEFPAMLVEIISDQLPKVESGNAKPLYFHRK
;
_entity_poly.pdbx_strand_id   A
#
# COMPACT_ATOMS: atom_id res chain seq x y z
N LEU A 18 9.43 -3.93 34.09
CA LEU A 18 9.87 -3.78 35.51
C LEU A 18 9.87 -2.30 35.95
N SER A 19 9.34 -1.42 35.08
CA SER A 19 9.30 0.00 35.39
C SER A 19 7.89 0.56 35.24
N THR A 20 7.33 1.02 36.35
CA THR A 20 6.00 1.61 36.39
C THR A 20 5.92 2.86 35.49
N ILE A 21 6.94 3.70 35.56
CA ILE A 21 6.98 4.93 34.77
C ILE A 21 7.12 4.67 33.27
N SER A 22 8.12 3.92 32.87
CA SER A 22 8.35 3.62 31.47
C SER A 22 7.14 2.94 30.82
N ARG A 23 6.45 2.10 31.58
CA ARG A 23 5.28 1.39 31.05
C ARG A 23 4.14 2.36 30.78
N ALA A 24 4.00 3.35 31.65
CA ALA A 24 2.96 4.36 31.50
C ALA A 24 3.30 5.39 30.42
N LEU A 25 4.59 5.58 30.15
CA LEU A 25 5.02 6.56 29.14
C LEU A 25 5.21 6.00 27.72
N THR A 26 5.29 4.68 27.61
CA THR A 26 5.49 4.06 26.30
C THR A 26 4.32 4.41 25.37
N PRO A 27 4.63 4.92 24.18
CA PRO A 27 3.55 5.27 23.26
C PRO A 27 2.76 4.04 22.79
N SER A 28 1.48 4.22 22.53
CA SER A 28 0.64 3.14 22.03
C SER A 28 1.09 2.79 20.61
N PRO A 29 0.82 1.56 20.16
CA PRO A 29 1.23 1.18 18.80
C PRO A 29 0.72 2.16 17.74
N VAL A 30 -0.47 2.72 17.97
CA VAL A 30 -1.06 3.65 17.04
C VAL A 30 -0.25 4.94 17.03
N MET A 31 0.28 5.30 18.20
CA MET A 31 1.06 6.52 18.33
C MET A 31 2.39 6.39 17.60
N VAL A 32 3.01 5.22 17.71
CA VAL A 32 4.29 5.01 17.04
C VAL A 32 4.10 4.99 15.52
N LEU A 33 2.94 4.50 15.06
CA LEU A 33 2.63 4.46 13.63
C LEU A 33 2.62 5.88 13.08
N GLU A 34 2.12 6.84 13.88
CA GLU A 34 2.07 8.23 13.44
C GLU A 34 3.48 8.80 13.36
N ASN A 35 4.30 8.45 14.34
CA ASN A 35 5.67 8.93 14.38
C ASN A 35 6.52 8.38 13.24
N ILE A 36 6.30 7.12 12.87
CA ILE A 36 7.09 6.52 11.81
C ILE A 36 6.54 6.67 10.39
N GLU A 37 5.34 7.23 10.26
CA GLU A 37 4.74 7.44 8.94
C GLU A 37 5.67 8.33 8.12
N PRO A 38 6.05 7.89 6.92
CA PRO A 38 6.96 8.70 6.10
C PRO A 38 6.41 10.06 5.62
N GLU A 39 7.33 10.99 5.37
CA GLU A 39 6.92 12.28 4.87
C GLU A 39 6.53 12.03 3.41
N ILE A 40 5.64 12.84 2.86
CA ILE A 40 5.24 12.65 1.46
C ILE A 40 6.45 12.85 0.56
N VAL A 41 6.64 11.96 -0.40
CA VAL A 41 7.76 12.06 -1.34
C VAL A 41 7.33 12.71 -2.65
N TYR A 42 8.23 13.45 -3.26
CA TYR A 42 7.96 14.12 -4.53
C TYR A 42 8.31 13.23 -5.73
N ALA A 43 7.56 13.38 -6.81
CA ALA A 43 7.79 12.58 -8.00
C ALA A 43 8.93 13.06 -8.90
N GLY A 44 9.21 14.36 -8.87
CA GLY A 44 10.24 14.89 -9.74
C GLY A 44 9.66 14.92 -11.15
N TYR A 45 8.38 15.24 -11.23
CA TYR A 45 7.65 15.29 -12.50
C TYR A 45 8.12 16.45 -13.38
N ASP A 46 8.45 16.14 -14.64
CA ASP A 46 8.91 17.15 -15.58
C ASP A 46 7.72 17.70 -16.37
N SER A 47 7.23 18.86 -15.94
CA SER A 47 6.09 19.51 -16.56
C SER A 47 6.32 19.95 -18.01
N SER A 48 7.58 19.99 -18.45
CA SER A 48 7.87 20.41 -19.81
C SER A 48 7.56 19.31 -20.82
N LYS A 49 7.86 18.07 -20.47
CA LYS A 49 7.62 16.94 -21.36
C LYS A 49 6.13 16.71 -21.61
N PRO A 50 5.79 16.18 -22.78
CA PRO A 50 4.41 15.90 -23.19
C PRO A 50 3.75 14.81 -22.31
N ASP A 51 2.46 14.96 -22.08
CA ASP A 51 1.75 13.98 -21.25
C ASP A 51 1.27 12.78 -22.02
N THR A 52 2.22 11.96 -22.44
CA THR A 52 1.93 10.73 -23.18
C THR A 52 1.95 9.58 -22.17
N ALA A 53 1.47 8.41 -22.56
CA ALA A 53 1.48 7.27 -21.64
C ALA A 53 2.92 6.92 -21.24
N GLU A 54 3.80 6.83 -22.22
CA GLU A 54 5.20 6.49 -21.97
C GLU A 54 5.84 7.37 -20.87
N ASN A 55 5.64 8.67 -20.98
CA ASN A 55 6.20 9.62 -20.00
C ASN A 55 5.52 9.55 -18.63
N LEU A 56 4.20 9.54 -18.61
CA LEU A 56 3.48 9.49 -17.35
C LEU A 56 3.74 8.18 -16.60
N LEU A 57 3.74 7.07 -17.32
CA LEU A 57 3.97 5.78 -16.66
C LEU A 57 5.40 5.69 -16.17
N SER A 58 6.36 6.21 -16.95
CA SER A 58 7.75 6.19 -16.52
C SER A 58 7.91 7.04 -15.26
N THR A 59 7.29 8.22 -15.27
CA THR A 59 7.35 9.12 -14.12
C THR A 59 6.75 8.46 -12.88
N LEU A 60 5.62 7.78 -13.05
CA LEU A 60 4.98 7.11 -11.93
C LEU A 60 5.88 5.99 -11.40
N ASN A 61 6.54 5.26 -12.29
CA ASN A 61 7.40 4.18 -11.84
C ASN A 61 8.59 4.75 -11.05
N ARG A 62 9.05 5.91 -11.49
CA ARG A 62 10.17 6.60 -10.84
C ARG A 62 9.71 7.02 -9.44
N LEU A 63 8.50 7.56 -9.36
CA LEU A 63 7.94 7.97 -8.09
C LEU A 63 7.81 6.76 -7.16
N ALA A 64 7.37 5.64 -7.72
CA ALA A 64 7.21 4.40 -6.95
C ALA A 64 8.52 3.96 -6.30
N GLY A 65 9.61 4.06 -7.07
CA GLY A 65 10.92 3.69 -6.56
C GLY A 65 11.28 4.55 -5.35
N LYS A 66 11.08 5.86 -5.47
CA LYS A 66 11.37 6.79 -4.38
C LYS A 66 10.52 6.49 -3.14
N GLN A 67 9.24 6.19 -3.35
CA GLN A 67 8.34 5.87 -2.24
C GLN A 67 8.72 4.56 -1.54
N MET A 68 9.05 3.52 -2.32
CA MET A 68 9.39 2.23 -1.74
C MET A 68 10.63 2.28 -0.87
N ILE A 69 11.55 3.18 -1.19
CA ILE A 69 12.75 3.36 -0.37
C ILE A 69 12.31 3.84 1.01
N GLN A 70 11.29 4.70 1.05
CA GLN A 70 10.80 5.22 2.32
C GLN A 70 9.93 4.19 3.05
N VAL A 71 9.24 3.36 2.28
CA VAL A 71 8.39 2.33 2.84
C VAL A 71 9.26 1.29 3.58
N VAL A 72 10.38 0.93 2.99
CA VAL A 72 11.29 -0.04 3.59
C VAL A 72 11.79 0.48 4.94
N LYS A 73 12.11 1.77 4.99
CA LYS A 73 12.61 2.38 6.23
C LYS A 73 11.51 2.43 7.28
N TRP A 74 10.28 2.50 6.81
CA TRP A 74 9.11 2.53 7.69
C TRP A 74 8.88 1.11 8.26
N ALA A 75 8.93 0.10 7.41
CA ALA A 75 8.71 -1.27 7.86
C ALA A 75 9.79 -1.70 8.85
N LYS A 76 10.99 -1.18 8.67
CA LYS A 76 12.11 -1.49 9.55
C LYS A 76 11.87 -1.07 11.01
N VAL A 77 11.11 0.00 11.23
CA VAL A 77 10.82 0.48 12.57
C VAL A 77 9.38 0.19 12.97
N LEU A 78 8.74 -0.69 12.22
CA LEU A 78 7.35 -1.06 12.49
C LEU A 78 7.34 -2.08 13.62
N PRO A 79 6.63 -1.78 14.71
CA PRO A 79 6.54 -2.68 15.86
C PRO A 79 6.08 -4.07 15.47
N GLY A 80 6.86 -5.07 15.87
CA GLY A 80 6.49 -6.44 15.56
C GLY A 80 7.10 -6.95 14.27
N PHE A 81 7.17 -6.07 13.28
CA PHE A 81 7.71 -6.45 11.97
C PHE A 81 9.22 -6.70 12.07
N LYS A 82 9.90 -5.79 12.75
CA LYS A 82 11.34 -5.88 12.92
C LYS A 82 11.72 -7.19 13.58
N ASN A 83 10.78 -7.79 14.32
CA ASN A 83 11.05 -9.05 15.01
C ASN A 83 10.98 -10.29 14.10
N LEU A 84 10.49 -10.11 12.88
CA LEU A 84 10.40 -11.22 11.94
C LEU A 84 11.75 -11.47 11.27
N PRO A 85 11.97 -12.71 10.82
CA PRO A 85 13.23 -13.07 10.15
C PRO A 85 13.41 -12.18 8.91
N LEU A 86 14.63 -11.73 8.64
CA LEU A 86 14.90 -10.90 7.48
C LEU A 86 14.23 -11.45 6.21
N GLU A 87 14.20 -12.77 6.06
CA GLU A 87 13.60 -13.41 4.91
C GLU A 87 12.12 -13.12 4.79
N ASP A 88 11.41 -13.17 5.92
CA ASP A 88 9.99 -12.91 5.91
C ASP A 88 9.65 -11.44 5.64
N GLN A 89 10.48 -10.54 6.16
CA GLN A 89 10.25 -9.11 5.95
C GLN A 89 10.36 -8.77 4.48
N ILE A 90 11.46 -9.20 3.85
CA ILE A 90 11.67 -8.95 2.43
C ILE A 90 10.52 -9.49 1.61
N THR A 91 10.08 -10.69 1.94
CA THR A 91 8.97 -11.35 1.25
C THR A 91 7.66 -10.58 1.38
N LEU A 92 7.34 -10.13 2.59
CA LEU A 92 6.11 -9.41 2.82
C LEU A 92 6.08 -8.08 2.07
N ILE A 93 7.22 -7.39 2.05
CA ILE A 93 7.32 -6.11 1.35
C ILE A 93 7.15 -6.28 -0.13
N GLN A 94 7.76 -7.34 -0.68
CA GLN A 94 7.66 -7.60 -2.10
C GLN A 94 6.23 -7.95 -2.49
N TYR A 95 5.59 -8.75 -1.65
CA TYR A 95 4.22 -9.17 -1.97
C TYR A 95 3.20 -8.05 -1.81
N SER A 96 3.46 -7.09 -0.92
CA SER A 96 2.48 -6.04 -0.68
C SER A 96 2.76 -4.63 -1.21
N TRP A 97 3.89 -4.42 -1.87
CA TRP A 97 4.21 -3.08 -2.35
C TRP A 97 3.12 -2.38 -3.14
N MET A 98 2.47 -3.08 -4.09
CA MET A 98 1.40 -2.44 -4.89
C MET A 98 0.17 -2.08 -4.02
N SER A 99 -0.13 -2.94 -3.07
CA SER A 99 -1.25 -2.70 -2.16
C SER A 99 -0.98 -1.48 -1.28
N LEU A 100 0.25 -1.36 -0.77
CA LEU A 100 0.63 -0.21 0.06
C LEU A 100 0.62 1.07 -0.77
N SER A 101 1.10 0.97 -2.00
CA SER A 101 1.16 2.13 -2.89
C SER A 101 -0.22 2.66 -3.21
N SER A 102 -1.12 1.77 -3.63
CA SER A 102 -2.44 2.22 -4.03
C SER A 102 -3.22 2.72 -2.85
N PHE A 103 -3.12 2.02 -1.70
CA PHE A 103 -3.85 2.43 -0.49
C PHE A 103 -3.40 3.81 -0.02
N ALA A 104 -2.08 4.04 -0.05
CA ALA A 104 -1.52 5.34 0.39
C ALA A 104 -1.87 6.42 -0.62
N LEU A 105 -2.00 6.04 -1.89
CA LEU A 105 -2.42 6.98 -2.92
C LEU A 105 -3.86 7.44 -2.65
N SER A 106 -4.73 6.50 -2.30
CA SER A 106 -6.14 6.83 -2.02
C SER A 106 -6.26 7.71 -0.78
N TRP A 107 -5.40 7.47 0.20
CA TRP A 107 -5.41 8.25 1.42
C TRP A 107 -5.00 9.72 1.16
N ARG A 108 -3.95 9.93 0.39
CA ARG A 108 -3.50 11.28 0.07
C ARG A 108 -4.50 12.04 -0.79
N SER A 109 -5.10 11.33 -1.75
CA SER A 109 -6.10 11.93 -2.61
C SER A 109 -7.26 12.38 -1.72
N TYR A 110 -7.60 11.54 -0.75
CA TYR A 110 -8.69 11.82 0.17
C TYR A 110 -8.38 13.02 1.09
N LYS A 111 -7.18 13.02 1.65
CA LYS A 111 -6.77 14.03 2.58
C LYS A 111 -6.48 15.37 1.96
N HIS A 112 -5.63 15.38 0.94
CA HIS A 112 -5.22 16.62 0.30
C HIS A 112 -6.14 17.21 -0.78
N THR A 113 -7.04 16.42 -1.34
CA THR A 113 -7.92 16.97 -2.38
C THR A 113 -9.37 16.59 -2.14
N ASN A 114 -9.66 16.05 -0.94
CA ASN A 114 -11.01 15.60 -0.63
C ASN A 114 -11.51 14.63 -1.69
N SER A 115 -10.61 13.77 -2.17
CA SER A 115 -10.93 12.76 -3.18
C SER A 115 -11.43 13.33 -4.48
N GLN A 116 -10.97 14.52 -4.81
CA GLN A 116 -11.35 15.17 -6.06
C GLN A 116 -10.43 14.67 -7.18
N PHE A 117 -9.16 14.48 -6.84
CA PHE A 117 -8.14 14.03 -7.78
C PHE A 117 -7.32 12.87 -7.17
N LEU A 118 -6.44 12.29 -7.98
CA LEU A 118 -5.52 11.25 -7.53
C LEU A 118 -4.21 11.97 -7.23
N TYR A 119 -3.91 12.07 -5.96
CA TYR A 119 -2.72 12.80 -5.49
C TYR A 119 -1.51 11.87 -5.36
N PHE A 120 -0.87 11.57 -6.47
CA PHE A 120 0.27 10.69 -6.46
C PHE A 120 1.39 11.35 -5.67
N ALA A 121 1.56 12.66 -5.85
CA ALA A 121 2.60 13.42 -5.15
C ALA A 121 2.19 14.88 -5.23
N PRO A 122 2.81 15.75 -4.42
CA PRO A 122 2.45 17.17 -4.45
C PRO A 122 2.70 17.79 -5.83
N ASP A 123 3.69 17.25 -6.56
CA ASP A 123 4.03 17.73 -7.89
C ASP A 123 3.43 16.88 -9.00
N LEU A 124 2.53 15.96 -8.65
CA LEU A 124 1.91 15.10 -9.67
C LEU A 124 0.50 14.71 -9.23
N VAL A 125 -0.46 15.54 -9.61
CA VAL A 125 -1.85 15.31 -9.25
C VAL A 125 -2.61 15.03 -10.53
N PHE A 126 -3.26 13.87 -10.59
CA PHE A 126 -4.02 13.47 -11.77
C PHE A 126 -5.48 13.88 -11.72
N ASN A 127 -5.95 14.47 -12.84
CA ASN A 127 -7.34 14.79 -12.98
C ASN A 127 -7.81 13.77 -14.03
N GLU A 128 -9.06 13.85 -14.47
CA GLU A 128 -9.58 12.92 -15.47
C GLU A 128 -8.69 12.87 -16.73
N GLU A 129 -8.24 14.03 -17.18
CA GLU A 129 -7.42 14.09 -18.39
C GLU A 129 -6.16 13.25 -18.28
N LYS A 130 -5.41 13.39 -17.18
CA LYS A 130 -4.20 12.58 -17.06
C LYS A 130 -4.49 11.08 -16.87
N MET A 131 -5.62 10.74 -16.25
CA MET A 131 -5.98 9.34 -16.06
C MET A 131 -6.12 8.74 -17.48
N HIS A 132 -6.76 9.48 -18.38
CA HIS A 132 -6.92 9.01 -19.76
C HIS A 132 -5.54 8.91 -20.44
N GLN A 133 -4.76 9.98 -20.30
CA GLN A 133 -3.45 10.04 -20.93
C GLN A 133 -2.45 8.99 -20.47
N SER A 134 -2.64 8.49 -19.26
CA SER A 134 -1.72 7.48 -18.72
C SER A 134 -1.88 6.12 -19.35
N ALA A 135 -3.01 5.90 -20.04
CA ALA A 135 -3.35 4.63 -20.67
C ALA A 135 -3.75 3.55 -19.65
N MET A 136 -4.07 3.95 -18.43
CA MET A 136 -4.51 3.03 -17.39
C MET A 136 -5.69 3.71 -16.67
N TYR A 137 -6.59 4.28 -17.48
CA TYR A 137 -7.77 4.96 -16.94
C TYR A 137 -8.63 4.13 -15.98
N GLU A 138 -9.03 2.94 -16.40
CA GLU A 138 -9.87 2.08 -15.56
C GLU A 138 -9.16 1.75 -14.24
N LEU A 139 -7.85 1.62 -14.27
CA LEU A 139 -7.13 1.31 -13.04
C LEU A 139 -7.17 2.51 -12.11
N CYS A 140 -6.97 3.72 -12.68
CA CYS A 140 -7.06 4.94 -11.88
C CYS A 140 -8.44 5.10 -11.25
N GLN A 141 -9.49 4.82 -12.03
CA GLN A 141 -10.85 4.93 -11.52
C GLN A 141 -11.01 3.96 -10.35
N GLY A 142 -10.39 2.80 -10.43
CA GLY A 142 -10.50 1.80 -9.36
C GLY A 142 -9.88 2.34 -8.07
N MET A 143 -8.73 2.97 -8.20
CA MET A 143 -8.07 3.52 -7.04
C MET A 143 -8.80 4.75 -6.54
N HIS A 144 -9.38 5.52 -7.47
CA HIS A 144 -10.15 6.72 -7.09
C HIS A 144 -11.39 6.29 -6.29
N GLN A 145 -12.00 5.17 -6.69
CA GLN A 145 -13.17 4.65 -5.99
C GLN A 145 -12.89 4.39 -4.53
N ILE A 146 -11.69 3.88 -4.22
CA ILE A 146 -11.32 3.63 -2.84
C ILE A 146 -11.30 5.00 -2.11
N SER A 147 -10.75 6.03 -2.77
CA SER A 147 -10.70 7.36 -2.16
C SER A 147 -12.13 7.86 -1.88
N LEU A 148 -13.07 7.52 -2.76
CA LEU A 148 -14.46 7.95 -2.58
C LEU A 148 -15.05 7.27 -1.36
N GLN A 149 -14.58 6.06 -1.09
CA GLN A 149 -15.07 5.33 0.09
C GLN A 149 -14.49 5.94 1.34
N PHE A 150 -13.28 6.48 1.25
CA PHE A 150 -12.68 7.12 2.42
C PHE A 150 -13.58 8.28 2.86
N VAL A 151 -14.15 8.98 1.88
CA VAL A 151 -15.03 10.11 2.15
C VAL A 151 -16.34 9.61 2.76
N ARG A 152 -16.96 8.63 2.12
CA ARG A 152 -18.21 8.05 2.60
C ARG A 152 -18.08 7.52 4.02
N LEU A 153 -16.92 6.97 4.35
CA LEU A 153 -16.67 6.42 5.69
C LEU A 153 -16.05 7.42 6.64
N GLN A 154 -15.54 8.54 6.12
CA GLN A 154 -14.86 9.54 6.94
C GLN A 154 -13.72 8.85 7.67
N LEU A 155 -12.95 8.06 6.93
CA LEU A 155 -11.83 7.33 7.51
C LEU A 155 -10.89 8.28 8.27
N THR A 156 -10.32 7.83 9.38
CA THR A 156 -9.39 8.66 10.16
C THR A 156 -7.98 8.20 9.93
N PHE A 157 -7.02 9.08 10.25
CA PHE A 157 -5.60 8.80 10.09
C PHE A 157 -5.21 7.60 10.95
N GLU A 158 -5.82 7.46 12.13
CA GLU A 158 -5.54 6.32 12.98
C GLU A 158 -5.94 5.03 12.26
N GLU A 159 -7.18 4.99 11.77
CA GLU A 159 -7.67 3.80 11.05
C GLU A 159 -6.78 3.51 9.85
N TYR A 160 -6.46 4.56 9.11
CA TYR A 160 -5.58 4.44 7.95
C TYR A 160 -4.25 3.77 8.26
N THR A 161 -3.52 4.29 9.25
CA THR A 161 -2.21 3.70 9.57
C THR A 161 -2.26 2.22 9.97
N ILE A 162 -3.30 1.84 10.70
CA ILE A 162 -3.41 0.44 11.10
C ILE A 162 -3.74 -0.40 9.86
N MET A 163 -4.70 0.05 9.05
CA MET A 163 -5.08 -0.66 7.84
C MET A 163 -3.90 -0.84 6.90
N LYS A 164 -2.99 0.13 6.85
CA LYS A 164 -1.83 0.01 5.98
C LYS A 164 -0.91 -1.13 6.50
N VAL A 165 -0.83 -1.28 7.81
CA VAL A 165 -0.01 -2.34 8.39
C VAL A 165 -0.65 -3.67 8.00
N LEU A 166 -1.99 -3.75 8.08
CA LEU A 166 -2.69 -4.98 7.72
C LEU A 166 -2.44 -5.34 6.26
N LEU A 167 -2.37 -4.35 5.38
CA LEU A 167 -2.09 -4.64 3.98
C LEU A 167 -0.69 -5.21 3.81
N LEU A 168 0.28 -4.70 4.60
CA LEU A 168 1.65 -5.22 4.53
C LEU A 168 1.66 -6.70 4.91
N LEU A 169 0.67 -7.11 5.72
CA LEU A 169 0.56 -8.48 6.18
C LEU A 169 -0.60 -9.22 5.51
N SER A 170 -0.98 -8.82 4.29
CA SER A 170 -2.10 -9.47 3.63
C SER A 170 -1.81 -10.50 2.56
N THR A 171 -0.56 -10.65 2.17
CA THR A 171 -0.17 -11.62 1.14
C THR A 171 1.09 -12.37 1.59
N ILE A 172 0.97 -13.68 1.75
CA ILE A 172 2.10 -14.50 2.19
C ILE A 172 2.39 -15.66 1.24
N PRO A 173 3.56 -16.32 1.39
CA PRO A 173 3.93 -17.45 0.53
C PRO A 173 2.91 -18.56 0.75
N LYS A 174 2.49 -19.20 -0.34
CA LYS A 174 1.50 -20.28 -0.31
C LYS A 174 1.83 -21.32 0.77
N ASP A 175 3.12 -21.52 1.02
CA ASP A 175 3.56 -22.49 2.03
C ASP A 175 3.96 -21.84 3.36
N GLY A 176 3.59 -20.58 3.56
CA GLY A 176 3.91 -19.91 4.81
C GLY A 176 5.28 -19.28 4.91
N LEU A 177 5.44 -18.41 5.91
CA LEU A 177 6.69 -17.70 6.17
C LEU A 177 7.63 -18.59 6.99
N LYS A 178 8.87 -18.13 7.15
CA LYS A 178 9.82 -18.91 7.92
C LYS A 178 9.29 -19.00 9.35
N SER A 179 8.80 -17.89 9.87
CA SER A 179 8.25 -17.84 11.22
C SER A 179 6.75 -17.54 11.10
N GLN A 180 6.01 -18.52 10.58
CA GLN A 180 4.57 -18.40 10.39
C GLN A 180 3.84 -18.05 11.69
N ALA A 181 4.28 -18.65 12.80
CA ALA A 181 3.66 -18.38 14.09
C ALA A 181 3.78 -16.94 14.54
N ALA A 182 4.98 -16.37 14.44
CA ALA A 182 5.22 -14.99 14.85
C ALA A 182 4.42 -14.03 13.97
N PHE A 183 4.33 -14.35 12.69
CA PHE A 183 3.60 -13.51 11.75
C PHE A 183 2.13 -13.44 12.12
N GLU A 184 1.54 -14.60 12.37
CA GLU A 184 0.12 -14.67 12.71
C GLU A 184 -0.19 -13.91 13.99
N GLU A 185 0.76 -13.96 14.92
CA GLU A 185 0.61 -13.28 16.19
C GLU A 185 0.60 -11.77 15.96
N MET A 186 1.54 -11.29 15.14
CA MET A 186 1.64 -9.87 14.83
C MET A 186 0.41 -9.38 14.07
N ARG A 187 -0.06 -10.19 13.12
CA ARG A 187 -1.24 -9.81 12.33
C ARG A 187 -2.47 -9.71 13.24
N THR A 188 -2.59 -10.67 14.15
CA THR A 188 -3.71 -10.72 15.09
C THR A 188 -3.77 -9.48 15.99
N ASN A 189 -2.62 -9.08 16.51
CA ASN A 189 -2.53 -7.91 17.35
C ASN A 189 -2.96 -6.64 16.63
N TYR A 190 -2.52 -6.47 15.38
CA TYR A 190 -2.89 -5.30 14.62
C TYR A 190 -4.38 -5.31 14.31
N ILE A 191 -4.94 -6.51 14.14
CA ILE A 191 -6.37 -6.65 13.91
C ILE A 191 -7.12 -6.20 15.18
N LYS A 192 -6.59 -6.54 16.34
CA LYS A 192 -7.23 -6.14 17.60
C LYS A 192 -7.12 -4.63 17.79
N GLU A 193 -6.02 -4.08 17.28
CA GLU A 193 -5.77 -2.65 17.37
C GLU A 193 -6.84 -1.90 16.60
N LEU A 194 -7.07 -2.28 15.35
CA LEU A 194 -8.09 -1.65 14.54
C LEU A 194 -9.45 -1.84 15.20
N ARG A 195 -9.61 -2.97 15.87
CA ARG A 195 -10.87 -3.28 16.55
C ARG A 195 -11.07 -2.34 17.74
N LYS A 196 -9.97 -1.96 18.39
CA LYS A 196 -10.03 -1.06 19.54
C LYS A 196 -10.29 0.38 19.08
N MET A 197 -9.68 0.77 17.96
CA MET A 197 -9.83 2.10 17.39
C MET A 197 -11.28 2.37 17.02
N VAL A 198 -11.86 1.43 16.29
CA VAL A 198 -13.25 1.53 15.85
C VAL A 198 -14.20 1.56 17.06
N THR A 199 -13.77 0.96 18.15
CA THR A 199 -14.57 0.91 19.37
C THR A 199 -14.90 2.31 19.89
N SER A 205 -19.20 -1.02 20.46
CA SER A 205 -19.96 -0.18 21.36
C SER A 205 -21.41 -0.06 20.92
N GLY A 206 -21.63 0.21 19.64
CA GLY A 206 -22.98 0.33 19.10
C GLY A 206 -22.91 0.01 17.62
N GLN A 207 -22.18 0.83 16.90
CA GLN A 207 -21.99 0.65 15.48
C GLN A 207 -20.50 0.39 15.28
N SER A 208 -19.85 -0.02 16.37
CA SER A 208 -18.44 -0.33 16.37
C SER A 208 -18.22 -1.56 15.50
N TRP A 209 -19.12 -2.53 15.62
CA TRP A 209 -19.03 -3.77 14.85
C TRP A 209 -19.21 -3.51 13.36
N GLN A 210 -20.16 -2.64 13.03
CA GLN A 210 -20.43 -2.28 11.66
C GLN A 210 -19.21 -1.59 11.04
N ARG A 211 -18.65 -0.62 11.76
CA ARG A 211 -17.47 0.11 11.28
C ARG A 211 -16.33 -0.88 10.98
N PHE A 212 -16.04 -1.75 11.95
CA PHE A 212 -14.98 -2.74 11.80
C PHE A 212 -15.22 -3.58 10.55
N TYR A 213 -16.48 -4.01 10.39
CA TYR A 213 -16.89 -4.82 9.25
C TYR A 213 -16.67 -4.11 7.92
N GLN A 214 -16.97 -2.82 7.87
CA GLN A 214 -16.80 -2.05 6.66
C GLN A 214 -15.33 -1.89 6.30
N LEU A 215 -14.49 -1.71 7.32
CA LEU A 215 -13.08 -1.55 7.09
C LEU A 215 -12.40 -2.84 6.62
N THR A 216 -12.76 -3.97 7.24
CA THR A 216 -12.17 -5.23 6.83
C THR A 216 -12.68 -5.64 5.45
N LYS A 217 -13.89 -5.21 5.12
CA LYS A 217 -14.46 -5.51 3.80
C LYS A 217 -13.73 -4.68 2.75
N LEU A 218 -13.35 -3.46 3.14
CA LEU A 218 -12.63 -2.58 2.24
C LEU A 218 -11.25 -3.16 2.00
N LEU A 219 -10.61 -3.65 3.06
CA LEU A 219 -9.29 -4.26 2.93
C LEU A 219 -9.34 -5.46 1.96
N ASP A 220 -10.36 -6.32 2.10
CA ASP A 220 -10.49 -7.47 1.21
C ASP A 220 -10.63 -7.03 -0.24
N SER A 221 -11.40 -5.96 -0.47
CA SER A 221 -11.61 -5.46 -1.82
C SER A 221 -10.30 -5.00 -2.46
N MET A 222 -9.29 -4.68 -1.63
CA MET A 222 -7.99 -4.24 -2.15
C MET A 222 -7.31 -5.36 -2.96
N HIS A 223 -7.52 -6.62 -2.58
CA HIS A 223 -6.92 -7.73 -3.30
C HIS A 223 -7.30 -7.77 -4.78
N ASP A 224 -8.57 -7.55 -5.10
CA ASP A 224 -8.99 -7.55 -6.49
C ASP A 224 -8.40 -6.38 -7.26
N LEU A 225 -8.41 -5.22 -6.63
CA LEU A 225 -7.87 -4.05 -7.29
C LEU A 225 -6.37 -4.26 -7.56
N VAL A 226 -5.65 -4.74 -6.55
CA VAL A 226 -4.21 -4.95 -6.67
C VAL A 226 -3.88 -6.00 -7.71
N SER A 227 -4.74 -7.01 -7.83
CA SER A 227 -4.53 -8.06 -8.82
C SER A 227 -4.53 -7.43 -10.22
N ASP A 228 -5.47 -6.52 -10.47
CA ASP A 228 -5.56 -5.83 -11.75
C ASP A 228 -4.40 -4.86 -11.95
N LEU A 229 -4.01 -4.15 -10.89
CA LEU A 229 -2.89 -3.23 -10.99
C LEU A 229 -1.60 -4.01 -11.33
N LEU A 230 -1.40 -5.17 -10.70
CA LEU A 230 -0.20 -5.98 -10.95
C LEU A 230 -0.18 -6.57 -12.35
N GLU A 231 -1.34 -6.97 -12.83
CA GLU A 231 -1.44 -7.55 -14.15
C GLU A 231 -0.91 -6.54 -15.15
N PHE A 232 -1.30 -5.29 -14.96
CA PHE A 232 -0.87 -4.20 -15.84
C PHE A 232 0.62 -3.90 -15.58
N CYS A 233 1.01 -3.90 -14.31
CA CYS A 233 2.41 -3.65 -13.98
C CYS A 233 3.34 -4.69 -14.63
N PHE A 234 2.99 -5.97 -14.49
CA PHE A 234 3.81 -7.04 -15.04
C PHE A 234 3.87 -6.97 -16.57
N TYR A 235 2.76 -6.59 -17.20
CA TYR A 235 2.69 -6.50 -18.66
C TYR A 235 3.62 -5.40 -19.19
N THR A 236 3.51 -4.18 -18.62
CA THR A 236 4.36 -3.09 -19.10
C THR A 236 5.82 -3.43 -18.75
N PHE A 237 6.01 -4.22 -17.71
CA PHE A 237 7.38 -4.61 -17.33
C PHE A 237 7.97 -5.56 -18.40
N ARG A 238 7.23 -6.58 -18.80
CA ARG A 238 7.72 -7.51 -19.85
C ARG A 238 7.93 -6.80 -21.20
N GLU A 239 7.03 -5.88 -21.51
CA GLU A 239 7.13 -5.14 -22.77
C GLU A 239 7.67 -3.74 -22.58
N SER A 240 8.46 -3.52 -21.56
CA SER A 240 8.97 -2.19 -21.30
C SER A 240 9.79 -1.61 -22.44
N HIS A 241 10.49 -2.45 -23.17
CA HIS A 241 11.32 -1.94 -24.28
C HIS A 241 10.46 -1.48 -25.45
N ALA A 242 9.50 -2.31 -25.88
CA ALA A 242 8.63 -1.91 -26.98
C ALA A 242 7.75 -0.72 -26.58
N LEU A 243 7.27 -0.72 -25.34
CA LEU A 243 6.40 0.36 -24.86
C LEU A 243 7.17 1.60 -24.45
N LYS A 244 8.47 1.46 -24.24
CA LYS A 244 9.30 2.58 -23.81
C LYS A 244 8.92 3.07 -22.42
N VAL A 245 8.49 2.15 -21.57
CA VAL A 245 8.13 2.48 -20.19
C VAL A 245 9.37 2.17 -19.34
N GLU A 246 9.86 3.18 -18.64
CA GLU A 246 11.06 2.98 -17.81
C GLU A 246 10.73 2.56 -16.39
N PHE A 247 11.63 1.79 -15.81
CA PHE A 247 11.46 1.35 -14.42
C PHE A 247 12.78 1.61 -13.69
N PRO A 248 12.71 2.15 -12.46
CA PRO A 248 13.89 2.45 -11.61
C PRO A 248 14.43 1.11 -11.07
N ALA A 249 15.70 1.09 -10.70
CA ALA A 249 16.31 -0.13 -10.18
C ALA A 249 15.48 -0.75 -9.04
N MET A 250 14.96 0.08 -8.14
CA MET A 250 14.15 -0.44 -7.02
C MET A 250 12.98 -1.30 -7.52
N LEU A 251 12.28 -0.84 -8.54
CA LEU A 251 11.15 -1.61 -9.08
C LEU A 251 11.61 -2.83 -9.86
N VAL A 252 12.69 -2.69 -10.61
CA VAL A 252 13.20 -3.82 -11.37
C VAL A 252 13.51 -4.93 -10.35
N GLU A 253 14.12 -4.54 -9.24
CA GLU A 253 14.50 -5.45 -8.18
C GLU A 253 13.27 -6.18 -7.64
N ILE A 254 12.25 -5.42 -7.23
CA ILE A 254 11.03 -6.00 -6.70
C ILE A 254 10.27 -6.87 -7.70
N ILE A 255 9.94 -6.30 -8.86
CA ILE A 255 9.19 -7.00 -9.88
C ILE A 255 9.88 -8.27 -10.42
N SER A 256 11.19 -8.16 -10.67
CA SER A 256 11.96 -9.31 -11.19
C SER A 256 11.69 -10.57 -10.41
N ASP A 257 11.73 -10.43 -9.08
CA ASP A 257 11.50 -11.52 -8.16
C ASP A 257 10.02 -11.83 -7.89
N GLN A 258 9.20 -10.78 -7.76
CA GLN A 258 7.77 -10.94 -7.51
C GLN A 258 6.99 -11.62 -8.62
N LEU A 259 7.19 -11.15 -9.84
CA LEU A 259 6.46 -11.68 -10.99
C LEU A 259 6.44 -13.22 -11.11
N PRO A 260 7.61 -13.86 -11.08
CA PRO A 260 7.62 -15.33 -11.19
C PRO A 260 6.90 -16.02 -10.03
N LYS A 261 7.03 -15.48 -8.83
CA LYS A 261 6.36 -16.05 -7.65
C LYS A 261 4.84 -15.95 -7.80
N VAL A 262 4.36 -14.77 -8.18
CA VAL A 262 2.93 -14.56 -8.31
C VAL A 262 2.33 -15.40 -9.42
N GLU A 263 2.96 -15.40 -10.60
CA GLU A 263 2.44 -16.18 -11.71
C GLU A 263 2.57 -17.68 -11.54
N SER A 264 3.43 -18.10 -10.63
CA SER A 264 3.59 -19.54 -10.37
C SER A 264 2.60 -19.97 -9.28
N GLY A 265 1.83 -19.02 -8.76
CA GLY A 265 0.86 -19.33 -7.72
C GLY A 265 1.41 -19.43 -6.30
N ASN A 266 2.61 -18.90 -6.06
CA ASN A 266 3.20 -18.94 -4.73
C ASN A 266 2.77 -17.82 -3.77
N ALA A 267 1.90 -16.93 -4.23
CA ALA A 267 1.44 -15.81 -3.42
C ALA A 267 0.04 -16.14 -2.93
N LYS A 268 -0.17 -16.11 -1.62
CA LYS A 268 -1.48 -16.42 -1.06
C LYS A 268 -2.15 -15.22 -0.40
N PRO A 269 -3.28 -14.76 -0.94
CA PRO A 269 -4.02 -13.62 -0.39
C PRO A 269 -4.75 -14.01 0.89
N LEU A 270 -4.66 -13.18 1.92
CA LEU A 270 -5.37 -13.44 3.18
C LEU A 270 -6.61 -12.59 3.21
N TYR A 271 -7.76 -13.22 3.43
CA TYR A 271 -9.03 -12.51 3.46
C TYR A 271 -9.68 -12.55 4.81
N PHE A 272 -10.53 -11.56 5.06
CA PHE A 272 -11.30 -11.49 6.28
C PHE A 272 -12.62 -12.21 6.06
N HIS A 273 -13.17 -12.07 4.85
CA HIS A 273 -14.44 -12.67 4.47
C HIS A 273 -14.27 -13.45 3.17
N ARG A 274 -15.38 -13.88 2.58
CA ARG A 274 -15.41 -14.64 1.30
C ARG A 274 -16.01 -16.03 1.48
#